data_4Q39
#
_entry.id   4Q39
#
_cell.length_a   48.500
_cell.length_b   142.720
_cell.length_c   167.310
_cell.angle_alpha   90.00
_cell.angle_beta   90.00
_cell.angle_gamma   90.00
#
_symmetry.space_group_name_H-M   'C 2 2 21'
#
loop_
_entity.id
_entity.type
_entity.pdbx_description
1 polymer 'PYLD, pyrrolysine synthase'
2 non-polymer '1,4-DIHYDRONICOTINAMIDE ADENINE DINUCLEOTIDE'
3 non-polymer 'SODIUM ION'
4 non-polymer 'MAGNESIUM ION'
5 non-polymer PYRROLYSINE
6 non-polymer GLYCEROL
7 non-polymer 1,2-ETHANEDIOL
8 non-polymer DI(HYDROXYETHYL)ETHER
9 water water
#
_entity_poly.entity_id   1
_entity_poly.type   'polypeptide(L)'
_entity_poly.pdbx_seq_one_letter_code
;SMALLTPDDLININMQLQKADSAVQEVTGLDIKGICKALYGTFSSSEKVGIVPVTSGNGIIGNFSASLHAITQYFGFDSF
VTDMPDVSGYYEAVQNGAEIILMADDRTFLAHNLKNGKMANNQPCTGIIYAEIASRYLKADSKDVLVVGLGKVGFPGAEH
LVQKDFRVYGYDADETLLERATSNLGIIPFDPANPKKFSIIFEATPCANTIPEAVLSENCVLSTPGIPCAISEELRDKYE
VQLIAEPLGIGTASMLYSVL
;
_entity_poly.pdbx_strand_id   A,B
#
loop_
_chem_comp.id
_chem_comp.type
_chem_comp.name
_chem_comp.formula
EDO non-polymer 1,2-ETHANEDIOL 'C2 H6 O2'
GOL non-polymer GLYCEROL 'C3 H8 O3'
MG non-polymer 'MAGNESIUM ION' 'Mg 2'
NA non-polymer 'SODIUM ION' 'Na 1'
NAI non-polymer '1,4-DIHYDRONICOTINAMIDE ADENINE DINUCLEOTIDE' 'C21 H29 N7 O14 P2'
PEG non-polymer DI(HYDROXYETHYL)ETHER 'C4 H10 O3'
#
# COMPACT_ATOMS: atom_id res chain seq x y z
N MET A 2 1.05 -0.32 6.54
CA MET A 2 1.80 -1.59 6.62
C MET A 2 2.03 -2.15 5.22
N ALA A 3 3.20 -1.85 4.67
CA ALA A 3 3.62 -2.31 3.35
C ALA A 3 4.78 -3.26 3.53
N LEU A 4 4.49 -4.55 3.65
CA LEU A 4 5.52 -5.54 3.95
C LEU A 4 6.11 -6.17 2.68
N LEU A 5 7.40 -6.44 2.72
CA LEU A 5 8.06 -7.18 1.65
C LEU A 5 7.32 -8.46 1.34
N THR A 6 7.43 -8.89 0.08
CA THR A 6 6.90 -10.18 -0.41
C THR A 6 8.06 -11.00 -0.88
N PRO A 7 7.89 -12.33 -0.94
CA PRO A 7 9.03 -13.11 -1.42
C PRO A 7 9.48 -12.70 -2.83
N ASP A 8 8.56 -12.30 -3.69
CA ASP A 8 8.93 -11.85 -5.05
C ASP A 8 9.81 -10.60 -5.09
N ASP A 9 9.65 -9.68 -4.14
CA ASP A 9 10.57 -8.52 -4.04
C ASP A 9 12.03 -8.92 -3.84
N LEU A 10 12.28 -10.11 -3.31
CA LEU A 10 13.63 -10.50 -2.88
C LEU A 10 14.32 -11.53 -3.78
N ILE A 11 13.69 -11.86 -4.90
CA ILE A 11 14.27 -12.81 -5.85
C ILE A 11 15.62 -12.27 -6.35
N ASN A 12 16.60 -13.15 -6.40
CA ASN A 12 17.97 -12.81 -6.81
C ASN A 12 18.47 -11.51 -6.16
N ILE A 13 18.48 -11.55 -4.84
CA ILE A 13 18.89 -10.42 -4.04
C ILE A 13 20.34 -10.02 -4.31
N ASN A 14 21.20 -11.00 -4.56
CA ASN A 14 22.60 -10.70 -4.87
C ASN A 14 22.74 -9.80 -6.11
N MET A 15 21.91 -10.06 -7.13
CA MET A 15 21.98 -9.27 -8.35
C MET A 15 21.41 -7.90 -8.08
N GLN A 16 20.35 -7.83 -7.28
CA GLN A 16 19.71 -6.56 -6.98
C GLN A 16 20.69 -5.66 -6.24
N LEU A 17 21.41 -6.25 -5.29
CA LEU A 17 22.45 -5.54 -4.52
C LEU A 17 23.66 -5.17 -5.38
N GLN A 18 24.11 -6.10 -6.23
CA GLN A 18 25.16 -5.78 -7.19
C GLN A 18 24.80 -4.54 -8.03
N LYS A 19 23.59 -4.54 -8.60
CA LYS A 19 23.14 -3.46 -9.47
C LYS A 19 22.96 -2.14 -8.73
N ALA A 20 22.48 -2.21 -7.50
CA ALA A 20 22.35 -1.02 -6.67
C ALA A 20 23.70 -0.45 -6.31
N ASP A 21 24.66 -1.33 -6.00
CA ASP A 21 26.00 -0.88 -5.65
C ASP A 21 26.67 -0.14 -6.85
N SER A 22 26.56 -0.68 -8.07
CA SER A 22 27.10 -0.01 -9.25
C SER A 22 26.44 1.34 -9.50
N ALA A 23 25.14 1.42 -9.26
CA ALA A 23 24.44 2.67 -9.51
C ALA A 23 24.90 3.72 -8.49
N VAL A 24 25.09 3.28 -7.24
CA VAL A 24 25.55 4.16 -6.19
C VAL A 24 26.97 4.69 -6.49
N GLN A 25 27.80 3.83 -7.05
CA GLN A 25 29.17 4.20 -7.41
C GLN A 25 29.16 5.26 -8.53
N GLU A 26 28.35 4.99 -9.54
CA GLU A 26 28.09 5.91 -10.64
C GLU A 26 27.67 7.29 -10.14
N VAL A 27 26.66 7.31 -9.28
CA VAL A 27 26.05 8.56 -8.85
C VAL A 27 26.95 9.34 -7.90
N THR A 28 27.63 8.63 -7.01
CA THR A 28 28.27 9.26 -5.85
C THR A 28 29.78 9.19 -5.86
N GLY A 29 30.34 8.29 -6.68
CA GLY A 29 31.76 7.98 -6.61
C GLY A 29 32.15 7.04 -5.48
N LEU A 30 31.20 6.67 -4.62
CA LEU A 30 31.42 5.76 -3.51
C LEU A 30 30.60 4.49 -3.73
N ASP A 31 31.14 3.35 -3.29
CA ASP A 31 30.29 2.17 -3.12
C ASP A 31 29.47 2.29 -1.82
N ILE A 32 28.59 1.34 -1.59
CA ILE A 32 27.71 1.37 -0.41
C ILE A 32 28.51 1.34 0.91
N LYS A 33 29.56 0.53 0.95
CA LYS A 33 30.46 0.51 2.11
C LYS A 33 31.02 1.89 2.36
N GLY A 34 31.40 2.56 1.28
CA GLY A 34 31.93 3.91 1.36
C GLY A 34 30.92 4.91 1.86
N ILE A 35 29.69 4.79 1.38
CA ILE A 35 28.60 5.63 1.89
C ILE A 35 28.46 5.42 3.39
N CYS A 36 28.52 4.16 3.82
CA CYS A 36 28.36 3.83 5.23
C CYS A 36 29.53 4.39 6.07
N LYS A 37 30.73 4.34 5.50
CA LYS A 37 31.91 4.94 6.12
C LYS A 37 31.77 6.46 6.25
N ALA A 38 31.23 7.11 5.23
CA ALA A 38 30.94 8.53 5.29
C ALA A 38 29.92 8.86 6.38
N LEU A 39 28.90 8.03 6.54
CA LEU A 39 27.85 8.29 7.51
C LEU A 39 28.32 8.02 8.92
N TYR A 40 29.00 6.90 9.09
CA TYR A 40 29.22 6.37 10.41
C TYR A 40 30.68 6.19 10.81
N GLY A 41 31.61 6.25 9.85
CA GLY A 41 33.03 6.10 10.17
C GLY A 41 33.47 4.67 10.41
N THR A 42 32.64 3.70 10.01
CA THR A 42 32.87 2.31 10.37
C THR A 42 33.14 1.42 9.16
N PHE A 43 33.66 0.23 9.42
CA PHE A 43 33.93 -0.82 8.44
C PHE A 43 33.72 -2.15 9.15
N SER A 44 33.47 -3.21 8.39
CA SER A 44 33.19 -4.51 8.98
C SER A 44 34.50 -5.24 9.22
N SER A 45 34.50 -6.10 10.24
CA SER A 45 35.62 -7.00 10.52
C SER A 45 35.11 -8.40 10.85
N SER A 46 34.34 -8.98 9.93
CA SER A 46 33.75 -10.33 10.16
C SER A 46 33.01 -10.46 11.48
N GLU A 47 32.38 -9.41 11.99
CA GLU A 47 31.55 -9.56 13.18
C GLU A 47 30.50 -10.65 12.96
N LYS A 48 30.22 -11.44 13.99
CA LYS A 48 29.29 -12.54 13.89
C LYS A 48 27.89 -12.00 14.03
N VAL A 49 27.05 -12.28 13.04
CA VAL A 49 25.69 -11.76 12.97
C VAL A 49 24.68 -12.91 12.89
N GLY A 50 23.80 -12.95 13.91
CA GLY A 50 22.81 -13.98 14.05
C GLY A 50 21.50 -13.43 13.56
N ILE A 51 20.92 -14.10 12.58
CA ILE A 51 19.71 -13.64 11.92
C ILE A 51 18.62 -14.54 12.41
N VAL A 52 17.61 -13.96 13.08
CA VAL A 52 16.58 -14.74 13.75
C VAL A 52 15.23 -14.62 13.06
N PRO A 53 14.74 -15.71 12.46
CA PRO A 53 13.41 -15.66 11.90
C PRO A 53 12.36 -15.38 12.99
N VAL A 54 11.31 -14.64 12.62
CA VAL A 54 10.27 -14.22 13.55
C VAL A 54 8.90 -14.55 12.95
N THR A 55 8.09 -15.29 13.70
CA THR A 55 6.74 -15.74 13.32
C THR A 55 5.61 -14.82 13.76
N SER A 56 5.97 -13.73 14.42
CA SER A 56 5.00 -12.75 14.86
C SER A 56 4.18 -12.17 13.70
N GLY A 57 2.93 -11.83 13.98
CA GLY A 57 2.04 -11.15 13.04
C GLY A 57 1.80 -11.89 11.73
N ASN A 58 2.01 -11.20 10.61
CA ASN A 58 2.02 -11.81 9.25
C ASN A 58 2.95 -13.02 9.13
N GLY A 59 3.93 -13.15 10.01
CA GLY A 59 4.77 -14.34 10.05
C GLY A 59 6.05 -14.19 9.22
N ILE A 60 6.74 -15.31 9.10
CA ILE A 60 7.94 -15.45 8.34
C ILE A 60 7.68 -15.12 6.88
N ILE A 61 8.48 -14.24 6.33
CA ILE A 61 8.39 -13.91 4.92
C ILE A 61 9.40 -14.73 4.14
N GLY A 62 8.91 -15.57 3.23
CA GLY A 62 9.78 -16.29 2.28
C GLY A 62 10.87 -15.42 1.74
N ASN A 63 12.09 -15.95 1.72
CA ASN A 63 13.29 -15.28 1.23
C ASN A 63 13.89 -14.22 2.18
N PHE A 64 13.23 -13.85 3.28
CA PHE A 64 13.69 -12.71 4.08
C PHE A 64 15.01 -13.02 4.77
N SER A 65 15.01 -14.07 5.57
CA SER A 65 16.22 -14.45 6.27
C SER A 65 17.34 -14.84 5.30
N ALA A 66 17.01 -15.61 4.25
CA ALA A 66 18.03 -15.95 3.23
C ALA A 66 18.64 -14.69 2.64
N SER A 67 17.81 -13.66 2.46
CA SER A 67 18.26 -12.40 1.87
C SER A 67 19.16 -11.64 2.83
N LEU A 68 18.79 -11.58 4.10
CA LEU A 68 19.67 -10.99 5.10
C LEU A 68 20.98 -11.77 5.19
N HIS A 69 20.91 -13.09 5.08
CA HIS A 69 22.08 -13.96 5.08
C HIS A 69 23.07 -13.50 3.96
N ALA A 70 22.53 -13.34 2.77
CA ALA A 70 23.30 -12.95 1.58
C ALA A 70 23.81 -11.51 1.69
N ILE A 71 22.93 -10.63 2.18
CA ILE A 71 23.28 -9.23 2.34
C ILE A 71 24.47 -9.07 3.29
N THR A 72 24.36 -9.71 4.44
CA THR A 72 25.39 -9.59 5.46
C THR A 72 26.71 -10.22 4.99
N GLN A 73 26.65 -11.36 4.31
CA GLN A 73 27.88 -11.94 3.74
C GLN A 73 28.47 -10.95 2.74
N TYR A 74 27.63 -10.34 1.92
CA TYR A 74 28.14 -9.41 0.89
C TYR A 74 28.99 -8.29 1.47
N PHE A 75 28.61 -7.83 2.65
CA PHE A 75 29.30 -6.71 3.32
C PHE A 75 30.41 -7.19 4.25
N GLY A 76 30.70 -8.48 4.24
CA GLY A 76 31.84 -8.98 4.95
C GLY A 76 31.53 -9.42 6.38
N PHE A 77 30.26 -9.58 6.75
CA PHE A 77 29.93 -10.12 8.07
C PHE A 77 29.93 -11.64 8.09
N ASP A 78 30.25 -12.18 9.25
CA ASP A 78 30.22 -13.60 9.48
C ASP A 78 28.83 -13.94 10.02
N SER A 79 27.90 -14.14 9.09
CA SER A 79 26.49 -14.25 9.43
C SER A 79 25.96 -15.65 9.35
N PHE A 80 24.86 -15.88 10.06
CA PHE A 80 24.19 -17.16 10.09
C PHE A 80 22.74 -16.95 10.49
N VAL A 81 21.90 -17.91 10.12
CA VAL A 81 20.47 -17.86 10.34
C VAL A 81 20.21 -19.02 11.28
N THR A 82 19.47 -18.75 12.34
CA THR A 82 19.19 -19.77 13.35
C THR A 82 18.12 -20.71 12.82
N ASP A 83 18.14 -21.97 13.24
CA ASP A 83 17.10 -22.92 12.91
C ASP A 83 15.79 -22.59 13.59
N MET A 84 15.83 -22.24 14.87
CA MET A 84 14.62 -21.90 15.60
C MET A 84 14.29 -20.44 15.36
N PRO A 85 12.99 -20.11 15.33
CA PRO A 85 12.52 -18.74 15.28
C PRO A 85 12.27 -18.15 16.68
N ASP A 86 12.02 -16.85 16.73
CA ASP A 86 11.50 -16.17 17.91
C ASP A 86 12.47 -16.17 19.09
N VAL A 87 11.98 -16.47 20.28
CA VAL A 87 12.80 -16.43 21.48
C VAL A 87 13.76 -17.63 21.45
N SER A 88 13.28 -18.78 21.03
CA SER A 88 14.18 -19.94 20.93
C SER A 88 15.34 -19.67 19.92
N GLY A 89 15.03 -18.94 18.85
CA GLY A 89 16.02 -18.52 17.89
C GLY A 89 17.00 -17.50 18.43
N TYR A 90 16.50 -16.54 19.19
CA TYR A 90 17.34 -15.55 19.84
C TYR A 90 18.36 -16.25 20.74
N TYR A 91 17.87 -17.16 21.58
CA TYR A 91 18.72 -18.00 22.43
C TYR A 91 19.79 -18.69 21.60
N GLU A 92 19.35 -19.41 20.59
CA GLU A 92 20.27 -20.13 19.70
C GLU A 92 21.35 -19.19 19.16
N ALA A 93 20.95 -17.99 18.75
CA ALA A 93 21.87 -17.03 18.20
C ALA A 93 22.94 -16.57 19.21
N VAL A 94 22.49 -16.23 20.43
CA VAL A 94 23.41 -15.77 21.46
C VAL A 94 24.37 -16.88 21.85
N GLN A 95 23.83 -18.06 22.06
CA GLN A 95 24.61 -19.23 22.42
C GLN A 95 25.65 -19.62 21.35
N ASN A 96 25.36 -19.35 20.07
CA ASN A 96 26.31 -19.65 19.01
C ASN A 96 27.25 -18.49 18.69
N GLY A 97 27.32 -17.50 19.59
CA GLY A 97 28.34 -16.48 19.52
C GLY A 97 28.00 -15.24 18.69
N ALA A 98 26.74 -15.00 18.41
CA ALA A 98 26.36 -13.78 17.72
C ALA A 98 26.84 -12.54 18.49
N GLU A 99 27.39 -11.59 17.74
CA GLU A 99 27.81 -10.31 18.27
C GLU A 99 26.77 -9.23 17.95
N ILE A 100 26.16 -9.39 16.79
CA ILE A 100 25.06 -8.54 16.40
C ILE A 100 23.87 -9.43 16.13
N ILE A 101 22.70 -8.99 16.61
CA ILE A 101 21.44 -9.67 16.35
C ILE A 101 20.68 -8.89 15.32
N LEU A 102 20.10 -9.61 14.37
CA LEU A 102 19.33 -9.00 13.30
C LEU A 102 18.00 -9.74 13.24
N MET A 103 16.90 -9.01 13.43
CA MET A 103 15.56 -9.59 13.49
C MET A 103 14.46 -8.55 13.27
N ALA A 104 13.34 -9.02 12.72
CA ALA A 104 12.20 -8.18 12.35
C ALA A 104 10.84 -8.78 12.68
N ASP A 105 9.95 -7.97 13.26
CA ASP A 105 8.51 -8.27 13.23
C ASP A 105 7.86 -7.33 12.21
N ASP A 106 6.53 -7.25 12.18
CA ASP A 106 5.85 -6.51 11.14
C ASP A 106 6.02 -5.01 11.27
N ARG A 107 6.40 -4.56 12.47
CA ARG A 107 6.50 -3.15 12.75
C ARG A 107 7.94 -2.65 12.92
N THR A 108 8.85 -3.52 13.33
CA THR A 108 10.24 -3.12 13.61
C THR A 108 11.26 -4.13 13.05
N PHE A 109 12.23 -3.63 12.28
CA PHE A 109 13.38 -4.44 11.87
C PHE A 109 14.57 -3.81 12.55
N LEU A 110 15.30 -4.57 13.36
CA LEU A 110 16.40 -3.99 14.16
C LEU A 110 17.70 -4.73 14.06
N ALA A 111 18.78 -4.00 14.32
CA ALA A 111 20.09 -4.57 14.57
C ALA A 111 20.54 -4.12 15.94
N HIS A 112 20.96 -5.07 16.77
CA HIS A 112 21.45 -4.80 18.09
C HIS A 112 22.87 -5.36 18.24
N ASN A 113 23.84 -4.48 18.46
CA ASN A 113 25.21 -4.91 18.65
C ASN A 113 25.41 -5.18 20.12
N LEU A 114 25.60 -6.44 20.48
CA LEU A 114 25.74 -6.86 21.85
C LEU A 114 27.09 -6.46 22.43
N LYS A 115 28.08 -6.16 21.59
CA LYS A 115 29.39 -5.80 22.10
C LYS A 115 29.36 -4.40 22.67
N ASN A 116 28.61 -3.49 22.06
CA ASN A 116 28.65 -2.10 22.48
C ASN A 116 27.30 -1.50 22.82
N GLY A 117 26.22 -2.28 22.81
CA GLY A 117 24.90 -1.78 23.22
C GLY A 117 24.17 -0.94 22.18
N LYS A 118 24.78 -0.72 21.01
CA LYS A 118 24.16 0.16 20.02
C LYS A 118 23.08 -0.63 19.26
N MET A 119 22.02 0.06 18.89
CA MET A 119 20.87 -0.60 18.27
C MET A 119 20.32 0.30 17.19
N ALA A 120 19.87 -0.29 16.08
CA ALA A 120 19.40 0.48 14.93
C ALA A 120 18.00 0.04 14.53
N ASN A 121 17.21 0.99 14.06
CA ASN A 121 15.87 0.73 13.51
C ASN A 121 15.97 0.87 11.98
N ASN A 122 15.43 -0.08 11.22
CA ASN A 122 15.49 -0.03 9.75
C ASN A 122 14.96 1.27 9.15
N GLN A 123 13.92 1.84 9.75
CA GLN A 123 13.26 2.98 9.14
C GLN A 123 14.12 4.23 8.99
N PRO A 124 14.61 4.78 10.11
CA PRO A 124 15.47 5.93 9.94
C PRO A 124 16.77 5.59 9.20
N CYS A 125 17.32 4.41 9.42
CA CYS A 125 18.57 4.01 8.74
C CYS A 125 18.47 3.99 7.22
N THR A 126 17.34 3.50 6.74
CA THR A 126 17.01 3.50 5.33
C THR A 126 16.82 4.92 4.83
N GLY A 127 16.00 5.72 5.51
CA GLY A 127 15.78 7.09 5.05
C GLY A 127 17.07 7.86 4.96
N ILE A 128 17.87 7.75 6.00
CA ILE A 128 19.14 8.45 6.05
C ILE A 128 20.08 8.03 4.92
N ILE A 129 20.29 6.73 4.72
CA ILE A 129 21.26 6.30 3.69
C ILE A 129 20.82 6.63 2.27
N TYR A 130 19.53 6.44 1.95
CA TYR A 130 19.04 6.83 0.66
C TYR A 130 19.12 8.35 0.43
N ALA A 131 18.86 9.13 1.48
CA ALA A 131 19.01 10.58 1.37
C ALA A 131 20.49 11.00 1.24
N GLU A 132 21.37 10.26 1.90
CA GLU A 132 22.81 10.51 1.76
C GLU A 132 23.26 10.25 0.32
N ILE A 133 22.86 9.09 -0.21
CA ILE A 133 23.16 8.74 -1.58
C ILE A 133 22.68 9.86 -2.52
N ALA A 134 21.41 10.24 -2.41
CA ALA A 134 20.83 11.32 -3.20
C ALA A 134 21.67 12.59 -3.10
N SER A 135 22.04 12.97 -1.89
CA SER A 135 22.81 14.18 -1.65
C SER A 135 24.21 14.21 -2.27
N ARG A 136 24.76 13.05 -2.63
CA ARG A 136 26.14 12.98 -3.14
C ARG A 136 26.21 12.82 -4.65
N TYR A 137 25.10 13.13 -5.33
CA TYR A 137 25.09 13.12 -6.79
C TYR A 137 26.14 14.11 -7.26
N LEU A 138 27.19 13.60 -7.88
CA LEU A 138 28.38 14.37 -8.27
C LEU A 138 28.06 15.54 -9.22
N LYS A 139 27.11 15.34 -10.13
CA LYS A 139 26.79 16.33 -11.16
C LYS A 139 25.48 17.08 -10.90
N ALA A 140 25.13 17.29 -9.63
CA ALA A 140 23.99 18.14 -9.31
C ALA A 140 24.41 19.62 -9.24
N ASP A 141 23.56 20.52 -9.72
CA ASP A 141 23.93 21.93 -9.77
C ASP A 141 23.76 22.68 -8.44
N SER A 142 22.88 22.19 -7.58
CA SER A 142 22.64 22.87 -6.30
C SER A 142 22.09 21.89 -5.25
N LYS A 143 22.06 22.36 -4.01
CA LYS A 143 21.56 21.58 -2.90
C LYS A 143 20.03 21.71 -2.79
N ASP A 144 19.35 21.18 -3.80
CA ASP A 144 17.91 21.24 -3.94
C ASP A 144 17.43 19.81 -4.17
N VAL A 145 16.52 19.34 -3.34
CA VAL A 145 16.09 17.95 -3.42
C VAL A 145 14.60 17.88 -3.20
N LEU A 146 13.92 17.16 -4.08
CA LEU A 146 12.51 16.80 -3.90
C LEU A 146 12.41 15.52 -3.06
N VAL A 147 11.65 15.60 -1.98
CA VAL A 147 11.31 14.46 -1.16
C VAL A 147 9.82 14.16 -1.29
N VAL A 148 9.47 13.01 -1.86
CA VAL A 148 8.06 12.54 -1.93
C VAL A 148 7.88 11.38 -0.93
N GLY A 149 7.07 11.62 0.10
CA GLY A 149 6.82 10.65 1.15
C GLY A 149 7.57 11.05 2.38
N LEU A 150 6.83 11.38 3.44
CA LEU A 150 7.42 11.90 4.68
C LEU A 150 6.98 11.07 5.89
N GLY A 151 6.90 9.76 5.69
CA GLY A 151 6.56 8.82 6.77
C GLY A 151 7.74 8.36 7.57
N LYS A 152 7.70 7.10 7.99
CA LYS A 152 8.75 6.54 8.87
C LYS A 152 10.14 6.49 8.24
N VAL A 153 10.20 6.29 6.91
CA VAL A 153 11.44 6.35 6.13
C VAL A 153 11.70 7.77 5.62
N GLY A 154 10.70 8.38 5.02
CA GLY A 154 10.87 9.69 4.37
C GLY A 154 11.26 10.82 5.31
N PHE A 155 10.65 10.88 6.46
CA PHE A 155 10.87 12.00 7.36
C PHE A 155 12.32 12.07 7.86
N PRO A 156 12.88 10.96 8.34
CA PRO A 156 14.28 11.06 8.77
C PRO A 156 15.24 11.29 7.61
N GLY A 157 14.85 10.85 6.42
CA GLY A 157 15.62 11.13 5.21
C GLY A 157 15.62 12.63 4.94
N ALA A 158 14.44 13.23 4.95
CA ALA A 158 14.32 14.69 4.78
C ALA A 158 15.07 15.46 5.89
N GLU A 159 15.01 14.95 7.10
CA GLU A 159 15.67 15.58 8.22
C GLU A 159 17.16 15.62 7.99
N HIS A 160 17.69 14.49 7.55
CA HIS A 160 19.10 14.36 7.20
C HIS A 160 19.51 15.38 6.14
N LEU A 161 18.67 15.60 5.14
CA LEU A 161 19.00 16.52 4.07
C LEU A 161 18.99 17.95 4.62
N VAL A 162 18.04 18.28 5.49
CA VAL A 162 18.00 19.61 6.09
C VAL A 162 19.26 19.85 6.89
N GLN A 163 19.73 18.82 7.58
CA GLN A 163 20.94 18.89 8.39
C GLN A 163 22.20 19.06 7.54
N LYS A 164 22.16 18.60 6.29
CA LYS A 164 23.26 18.81 5.36
C LYS A 164 23.12 20.10 4.55
N ASP A 165 22.26 21.01 5.01
CA ASP A 165 22.05 22.34 4.42
C ASP A 165 21.48 22.35 3.00
N PHE A 166 20.58 21.41 2.72
CA PHE A 166 19.86 21.41 1.45
C PHE A 166 18.58 22.20 1.57
N ARG A 167 18.14 22.75 0.45
CA ARG A 167 16.79 23.19 0.30
C ARG A 167 16.03 21.92 0.00
N VAL A 168 15.16 21.55 0.94
CA VAL A 168 14.35 20.37 0.82
C VAL A 168 12.92 20.74 0.47
N TYR A 169 12.44 20.19 -0.64
CA TYR A 169 11.09 20.40 -1.12
C TYR A 169 10.32 19.09 -0.87
N GLY A 170 9.36 19.15 0.04
CA GLY A 170 8.65 17.96 0.49
C GLY A 170 7.22 17.97 0.01
N TYR A 171 6.76 16.78 -0.40
CA TYR A 171 5.36 16.52 -0.62
C TYR A 171 4.99 15.18 0.01
N ASP A 172 3.80 15.14 0.65
CA ASP A 172 3.17 13.91 1.09
C ASP A 172 1.67 14.07 0.88
N ALA A 173 0.99 13.01 0.45
CA ALA A 173 -0.43 13.08 0.14
C ALA A 173 -1.26 13.23 1.39
N ASP A 174 -0.73 12.80 2.52
CA ASP A 174 -1.36 13.08 3.80
C ASP A 174 -1.00 14.52 4.21
N GLU A 175 -1.99 15.41 4.15
CA GLU A 175 -1.74 16.85 4.36
C GLU A 175 -1.30 17.16 5.79
N THR A 176 -1.73 16.35 6.74
CA THR A 176 -1.33 16.53 8.14
C THR A 176 0.15 16.15 8.32
N LEU A 177 0.61 15.07 7.68
CA LEU A 177 2.04 14.75 7.71
C LEU A 177 2.83 15.88 7.08
N LEU A 178 2.35 16.37 5.94
CA LEU A 178 3.02 17.48 5.25
C LEU A 178 3.19 18.67 6.17
N GLU A 179 2.13 19.03 6.90
CA GLU A 179 2.18 20.18 7.81
C GLU A 179 3.16 19.97 8.95
N ARG A 180 3.06 18.85 9.64
CA ARG A 180 4.02 18.50 10.69
C ARG A 180 5.47 18.63 10.20
N ALA A 181 5.79 18.03 9.07
CA ALA A 181 7.15 18.06 8.54
C ALA A 181 7.63 19.48 8.20
N THR A 182 6.76 20.29 7.61
CA THR A 182 7.11 21.68 7.29
C THR A 182 7.44 22.50 8.55
N SER A 183 6.66 22.33 9.61
CA SER A 183 6.92 23.05 10.86
C SER A 183 8.07 22.50 11.72
N ASN A 184 8.21 21.17 11.80
CA ASN A 184 9.32 20.57 12.55
C ASN A 184 10.64 20.73 11.84
N LEU A 185 10.66 20.57 10.53
CA LEU A 185 11.89 20.54 9.75
C LEU A 185 12.20 21.83 8.99
N GLY A 186 11.19 22.64 8.70
CA GLY A 186 11.41 23.84 7.90
C GLY A 186 11.60 23.55 6.42
N ILE A 187 11.14 22.39 5.96
CA ILE A 187 11.19 22.08 4.53
C ILE A 187 10.25 22.97 3.73
N ILE A 188 10.51 23.09 2.43
CA ILE A 188 9.66 23.84 1.53
C ILE A 188 8.49 22.94 1.11
N PRO A 189 7.24 23.36 1.36
CA PRO A 189 6.13 22.53 0.88
C PRO A 189 5.99 22.60 -0.63
N PHE A 190 6.19 21.47 -1.28
CA PHE A 190 6.14 21.40 -2.73
C PHE A 190 4.72 21.15 -3.23
N ASP A 191 4.27 21.99 -4.16
CA ASP A 191 2.95 21.88 -4.80
C ASP A 191 3.13 21.29 -6.19
N PRO A 192 2.60 20.08 -6.41
CA PRO A 192 2.75 19.46 -7.74
C PRO A 192 2.12 20.29 -8.88
N ALA A 193 1.03 21.03 -8.59
CA ALA A 193 0.43 21.93 -9.58
C ALA A 193 1.39 23.05 -10.01
N ASN A 194 2.44 23.30 -9.22
CA ASN A 194 3.49 24.26 -9.59
C ASN A 194 4.87 23.56 -9.69
N PRO A 195 5.10 22.80 -10.77
CA PRO A 195 6.25 21.90 -10.79
C PRO A 195 7.53 22.57 -11.21
N LYS A 196 8.65 22.06 -10.71
CA LYS A 196 9.94 22.39 -11.26
C LYS A 196 10.74 21.12 -11.40
N LYS A 197 11.79 21.24 -12.19
CA LYS A 197 12.63 20.13 -12.48
C LYS A 197 13.67 20.01 -11.37
N PHE A 198 13.98 18.76 -11.03
CA PHE A 198 14.98 18.48 -10.03
C PHE A 198 15.99 17.56 -10.67
N SER A 199 17.23 17.69 -10.25
CA SER A 199 18.23 16.73 -10.59
C SER A 199 18.40 15.70 -9.45
N ILE A 200 17.83 15.98 -8.27
CA ILE A 200 17.89 15.06 -7.12
C ILE A 200 16.48 14.86 -6.51
N ILE A 201 16.07 13.59 -6.45
CA ILE A 201 14.77 13.20 -5.91
C ILE A 201 14.94 11.97 -5.00
N PHE A 202 14.39 12.09 -3.81
CA PHE A 202 14.30 11.00 -2.84
C PHE A 202 12.82 10.69 -2.65
N GLU A 203 12.43 9.42 -2.82
CA GLU A 203 11.02 9.00 -2.74
C GLU A 203 10.91 7.80 -1.81
N ALA A 204 10.00 7.90 -0.85
CA ALA A 204 9.76 6.80 0.07
C ALA A 204 8.27 6.59 0.33
N THR A 205 7.59 6.08 -0.70
CA THR A 205 6.18 5.69 -0.56
C THR A 205 5.96 4.23 -0.98
N PRO A 206 4.83 3.66 -0.59
CA PRO A 206 4.49 2.31 -1.03
C PRO A 206 3.66 2.30 -2.33
N CYS A 207 3.77 3.36 -3.12
CA CYS A 207 2.92 3.52 -4.29
C CYS A 207 3.71 3.68 -5.58
N ALA A 208 3.12 3.20 -6.66
CA ALA A 208 3.73 3.35 -7.98
C ALA A 208 3.44 4.73 -8.58
N ASN A 209 4.35 5.12 -9.48
CA ASN A 209 4.20 6.29 -10.33
C ASN A 209 3.80 7.52 -9.56
N THR A 210 4.61 7.84 -8.54
CA THR A 210 4.39 9.02 -7.69
C THR A 210 5.23 10.23 -8.13
N ILE A 211 6.15 10.01 -9.05
CA ILE A 211 7.02 11.05 -9.56
C ILE A 211 6.54 11.41 -10.97
N PRO A 212 5.88 12.56 -11.11
CA PRO A 212 5.33 12.91 -12.41
C PRO A 212 6.39 13.41 -13.36
N GLU A 213 6.08 13.38 -14.64
CA GLU A 213 7.02 13.80 -15.65
C GLU A 213 7.50 15.24 -15.47
N ALA A 214 6.64 16.14 -15.01
CA ALA A 214 6.96 17.57 -14.94
C ALA A 214 8.13 17.87 -14.01
N VAL A 215 8.44 16.90 -13.15
CA VAL A 215 9.41 17.09 -12.10
C VAL A 215 10.79 16.53 -12.47
N LEU A 216 10.89 15.85 -13.62
CA LEU A 216 12.14 15.21 -14.02
C LEU A 216 13.03 16.09 -14.92
N SER A 217 14.33 15.84 -14.87
CA SER A 217 15.26 16.41 -15.81
C SER A 217 16.13 15.27 -16.29
N GLU A 218 16.79 15.46 -17.41
CA GLU A 218 17.67 14.45 -17.97
C GLU A 218 18.74 14.02 -16.96
N ASN A 219 18.96 12.72 -16.87
CA ASN A 219 19.94 12.13 -15.95
C ASN A 219 19.72 12.46 -14.47
N CYS A 220 18.51 12.83 -14.08
CA CYS A 220 18.28 13.11 -12.67
C CYS A 220 18.40 11.84 -11.85
N VAL A 221 18.75 12.02 -10.57
CA VAL A 221 18.86 10.92 -9.64
C VAL A 221 17.52 10.74 -8.97
N LEU A 222 17.07 9.49 -8.98
CA LEU A 222 15.93 9.08 -8.18
C LEU A 222 16.38 7.99 -7.20
N SER A 223 16.50 8.37 -5.94
CA SER A 223 16.95 7.47 -4.90
C SER A 223 15.74 7.08 -4.09
N THR A 224 15.33 5.82 -4.18
CA THR A 224 14.01 5.44 -3.63
C THR A 224 13.99 4.03 -3.03
N PRO A 225 13.77 3.94 -1.71
CA PRO A 225 13.57 2.62 -1.11
C PRO A 225 12.13 2.13 -1.27
N GLY A 226 11.26 3.02 -1.72
CA GLY A 226 9.83 2.71 -1.88
C GLY A 226 9.57 1.54 -2.80
N ILE A 227 8.47 0.83 -2.55
CA ILE A 227 8.09 -0.33 -3.34
C ILE A 227 6.57 -0.31 -3.54
N PRO A 228 6.09 -0.51 -4.77
CA PRO A 228 6.82 -0.72 -6.03
C PRO A 228 7.50 0.55 -6.52
N CYS A 229 8.01 0.53 -7.75
CA CYS A 229 8.84 1.63 -8.23
C CYS A 229 8.06 2.93 -8.39
N ALA A 230 8.65 4.02 -7.91
CA ALA A 230 8.05 5.37 -7.94
C ALA A 230 7.85 5.98 -9.33
N ILE A 231 8.53 5.43 -10.32
CA ILE A 231 8.48 5.98 -11.68
C ILE A 231 8.21 4.85 -12.66
N SER A 232 7.46 5.12 -13.72
CA SER A 232 7.24 4.11 -14.75
C SER A 232 8.53 3.83 -15.50
N GLU A 233 8.59 2.67 -16.13
CA GLU A 233 9.72 2.35 -16.99
C GLU A 233 9.86 3.36 -18.13
N GLU A 234 8.73 3.83 -18.64
CA GLU A 234 8.72 4.77 -19.75
C GLU A 234 9.40 6.09 -19.41
N LEU A 235 8.98 6.71 -18.31
CA LEU A 235 9.61 7.97 -17.89
C LEU A 235 11.05 7.76 -17.49
N ARG A 236 11.33 6.62 -16.89
CA ARG A 236 12.68 6.27 -16.48
C ARG A 236 13.60 6.26 -17.71
N ASP A 237 13.16 5.62 -18.80
CA ASP A 237 13.95 5.57 -20.05
C ASP A 237 14.02 6.93 -20.72
N LYS A 238 12.89 7.62 -20.76
CA LYS A 238 12.83 8.90 -21.46
C LYS A 238 13.85 9.91 -20.94
N TYR A 239 13.93 10.03 -19.60
CA TYR A 239 14.81 11.02 -18.98
C TYR A 239 16.13 10.43 -18.52
N GLU A 240 16.42 9.18 -18.86
CA GLU A 240 17.69 8.54 -18.48
C GLU A 240 17.92 8.67 -16.96
N VAL A 241 16.88 8.37 -16.19
CA VAL A 241 16.92 8.53 -14.75
C VAL A 241 17.96 7.61 -14.14
N GLN A 242 18.71 8.14 -13.21
CA GLN A 242 19.67 7.37 -12.49
C GLN A 242 19.03 6.85 -11.22
N LEU A 243 18.55 5.63 -11.32
CA LEU A 243 17.69 5.02 -10.31
C LEU A 243 18.55 4.30 -9.30
N ILE A 244 18.34 4.60 -8.03
CA ILE A 244 18.87 3.79 -6.94
C ILE A 244 17.68 3.22 -6.19
N ALA A 245 17.45 1.91 -6.33
CA ALA A 245 16.27 1.24 -5.79
C ALA A 245 16.50 -0.25 -5.55
N GLU A 246 16.36 -0.66 -4.30
CA GLU A 246 16.77 -1.99 -3.91
C GLU A 246 15.95 -2.32 -2.66
N PRO A 247 15.51 -3.57 -2.51
CA PRO A 247 14.42 -3.83 -1.53
C PRO A 247 14.79 -4.05 -0.07
N LEU A 248 16.07 -4.27 0.24
CA LEU A 248 16.45 -4.62 1.62
C LEU A 248 17.90 -4.30 2.02
N GLY A 249 18.85 -4.51 1.11
CA GLY A 249 20.30 -4.48 1.40
C GLY A 249 20.95 -3.18 1.82
N ILE A 250 20.61 -2.11 1.11
CA ILE A 250 21.15 -0.80 1.39
C ILE A 250 20.75 -0.34 2.80
N GLY A 251 19.47 -0.47 3.12
CA GLY A 251 18.98 -0.14 4.45
C GLY A 251 19.58 -1.04 5.52
N THR A 252 19.72 -2.32 5.21
CA THR A 252 20.33 -3.28 6.14
C THR A 252 21.79 -2.89 6.39
N ALA A 253 22.51 -2.56 5.32
CA ALA A 253 23.88 -2.05 5.48
C ALA A 253 23.92 -0.84 6.39
N SER A 254 23.01 0.11 6.18
CA SER A 254 22.96 1.33 6.99
C SER A 254 22.79 0.98 8.47
N MET A 255 21.83 0.11 8.78
CA MET A 255 21.66 -0.42 10.16
C MET A 255 22.94 -0.97 10.75
N LEU A 256 23.57 -1.87 10.00
CA LEU A 256 24.70 -2.62 10.54
C LEU A 256 25.91 -1.74 10.76
N TYR A 257 26.24 -0.89 9.79
CA TYR A 257 27.38 -0.02 9.95
C TYR A 257 27.12 1.04 11.04
N SER A 258 25.86 1.35 11.29
CA SER A 258 25.51 2.32 12.35
C SER A 258 25.72 1.78 13.76
N VAL A 259 25.74 0.47 13.93
CA VAL A 259 25.94 -0.06 15.29
C VAL A 259 27.37 -0.54 15.54
N LEU A 260 28.22 -0.48 14.52
CA LEU A 260 29.59 -0.93 14.66
C LEU A 260 30.41 -0.03 15.54
N MET B 2 -1.96 -7.65 2.44
CA MET B 2 -1.19 -6.48 1.93
C MET B 2 -1.80 -5.15 2.45
N ALA B 3 -2.93 -4.70 1.89
CA ALA B 3 -3.57 -3.44 2.31
C ALA B 3 -4.80 -3.75 3.16
N LEU B 4 -4.58 -4.03 4.44
CA LEU B 4 -5.66 -4.45 5.33
C LEU B 4 -6.26 -3.26 6.05
N LEU B 5 -7.55 -3.34 6.40
CA LEU B 5 -8.19 -2.28 7.17
C LEU B 5 -7.46 -2.05 8.48
N THR B 6 -7.50 -0.82 8.96
CA THR B 6 -7.05 -0.53 10.31
C THR B 6 -8.27 -0.14 11.13
N PRO B 7 -8.12 -0.16 12.45
CA PRO B 7 -9.18 0.28 13.35
C PRO B 7 -9.68 1.70 13.09
N ASP B 8 -8.75 2.61 12.77
CA ASP B 8 -9.11 3.99 12.48
C ASP B 8 -9.99 4.13 11.25
N ASP B 9 -9.85 3.21 10.29
CA ASP B 9 -10.72 3.20 9.09
C ASP B 9 -12.18 3.00 9.48
N LEU B 10 -12.41 2.31 10.59
CA LEU B 10 -13.73 1.84 10.97
C LEU B 10 -14.40 2.65 12.11
N ILE B 11 -13.80 3.76 12.50
CA ILE B 11 -14.41 4.60 13.54
C ILE B 11 -15.76 5.12 13.04
N ASN B 12 -16.77 4.95 13.88
CA ASN B 12 -18.12 5.45 13.62
C ASN B 12 -18.66 4.95 12.27
N ILE B 13 -18.66 3.64 12.11
CA ILE B 13 -19.10 2.99 10.88
C ILE B 13 -20.56 3.33 10.51
N ASN B 14 -21.43 3.49 11.50
CA ASN B 14 -22.83 3.87 11.26
C ASN B 14 -22.96 5.19 10.50
N MET B 15 -22.26 6.20 10.98
CA MET B 15 -22.22 7.51 10.33
C MET B 15 -21.68 7.39 8.91
N GLN B 16 -20.54 6.72 8.74
CA GLN B 16 -19.94 6.57 7.40
C GLN B 16 -20.90 5.87 6.43
N LEU B 17 -21.58 4.82 6.89
CA LEU B 17 -22.52 4.08 6.05
C LEU B 17 -23.77 4.92 5.73
N GLN B 18 -24.25 5.72 6.70
CA GLN B 18 -25.35 6.65 6.42
C GLN B 18 -24.96 7.58 5.28
N LYS B 19 -23.83 8.27 5.45
CA LYS B 19 -23.34 9.20 4.43
C LYS B 19 -23.28 8.55 3.06
N ALA B 20 -22.68 7.36 3.01
CA ALA B 20 -22.49 6.63 1.78
C ALA B 20 -23.84 6.26 1.16
N ASP B 21 -24.79 5.84 1.99
CA ASP B 21 -26.13 5.50 1.49
C ASP B 21 -26.79 6.73 0.82
N SER B 22 -26.59 7.93 1.36
CA SER B 22 -27.17 9.16 0.78
C SER B 22 -26.58 9.52 -0.57
N ALA B 23 -25.26 9.50 -0.66
CA ALA B 23 -24.59 9.85 -1.91
C ALA B 23 -24.93 8.86 -3.05
N VAL B 24 -25.04 7.58 -2.71
CA VAL B 24 -25.50 6.55 -3.64
C VAL B 24 -26.93 6.87 -4.11
N GLN B 25 -27.80 7.09 -3.14
CA GLN B 25 -29.17 7.51 -3.39
C GLN B 25 -29.19 8.77 -4.26
N GLU B 26 -28.32 9.72 -3.95
CA GLU B 26 -28.22 10.94 -4.72
C GLU B 26 -27.71 10.67 -6.14
N VAL B 27 -26.73 9.79 -6.29
CA VAL B 27 -26.12 9.52 -7.61
C VAL B 27 -26.99 8.60 -8.47
N THR B 28 -27.62 7.59 -7.86
CA THR B 28 -28.27 6.51 -8.63
C THR B 28 -29.80 6.53 -8.58
N GLY B 29 -30.37 7.26 -7.62
CA GLY B 29 -31.80 7.20 -7.34
C GLY B 29 -32.17 6.09 -6.37
N LEU B 30 -31.27 5.11 -6.19
CA LEU B 30 -31.51 3.93 -5.34
C LEU B 30 -30.59 3.97 -4.12
N ASP B 31 -31.06 3.51 -2.97
CA ASP B 31 -30.16 3.35 -1.82
C ASP B 31 -29.34 2.04 -1.99
N ILE B 32 -28.45 1.74 -1.04
CA ILE B 32 -27.63 0.53 -1.16
C ILE B 32 -28.49 -0.73 -1.22
N LYS B 33 -29.53 -0.81 -0.37
CA LYS B 33 -30.51 -1.91 -0.45
C LYS B 33 -31.11 -2.07 -1.84
N GLY B 34 -31.50 -0.95 -2.44
CA GLY B 34 -32.01 -0.93 -3.80
C GLY B 34 -30.98 -1.32 -4.85
N ILE B 35 -29.73 -0.90 -4.67
CA ILE B 35 -28.68 -1.33 -5.59
C ILE B 35 -28.56 -2.86 -5.52
N CYS B 36 -28.47 -3.40 -4.31
CA CYS B 36 -28.36 -4.85 -4.13
C CYS B 36 -29.60 -5.62 -4.68
N LYS B 37 -30.79 -5.08 -4.46
CA LYS B 37 -32.02 -5.61 -5.08
C LYS B 37 -31.87 -5.78 -6.59
N ALA B 38 -31.48 -4.71 -7.28
CA ALA B 38 -31.27 -4.72 -8.74
C ALA B 38 -30.15 -5.66 -9.20
N LEU B 39 -29.15 -5.87 -8.37
CA LEU B 39 -28.03 -6.72 -8.74
C LEU B 39 -28.37 -8.18 -8.67
N TYR B 40 -28.96 -8.58 -7.57
CA TYR B 40 -29.19 -9.99 -7.29
C TYR B 40 -30.66 -10.36 -7.19
N GLY B 41 -31.56 -9.37 -7.27
CA GLY B 41 -33.00 -9.59 -7.11
C GLY B 41 -33.44 -10.14 -5.76
N THR B 42 -32.64 -9.93 -4.73
CA THR B 42 -32.91 -10.51 -3.41
C THR B 42 -33.31 -9.44 -2.42
N PHE B 43 -33.83 -9.88 -1.28
CA PHE B 43 -34.17 -9.01 -0.18
C PHE B 43 -33.90 -9.70 1.15
N SER B 44 -33.69 -8.91 2.20
CA SER B 44 -33.38 -9.48 3.50
C SER B 44 -34.65 -9.89 4.23
N SER B 45 -34.52 -10.84 5.14
CA SER B 45 -35.62 -11.25 5.99
C SER B 45 -35.09 -11.62 7.36
N SER B 46 -34.29 -10.72 7.94
CA SER B 46 -33.74 -10.90 9.30
C SER B 46 -32.96 -12.20 9.47
N GLU B 47 -32.28 -12.66 8.43
CA GLU B 47 -31.44 -13.87 8.55
C GLU B 47 -30.44 -13.75 9.70
N LYS B 48 -30.16 -14.88 10.35
CA LYS B 48 -29.20 -14.94 11.45
C LYS B 48 -27.79 -14.97 10.88
N VAL B 49 -27.05 -13.89 11.04
CA VAL B 49 -25.67 -13.89 10.55
C VAL B 49 -24.69 -13.94 11.72
N GLY B 50 -23.82 -14.93 11.65
CA GLY B 50 -22.82 -15.19 12.68
C GLY B 50 -21.48 -14.63 12.24
N ILE B 51 -20.97 -13.71 13.04
CA ILE B 51 -19.72 -13.05 12.75
C ILE B 51 -18.64 -13.71 13.59
N VAL B 52 -17.66 -14.30 12.92
CA VAL B 52 -16.63 -15.06 13.60
C VAL B 52 -15.29 -14.37 13.48
N PRO B 53 -14.77 -13.83 14.61
CA PRO B 53 -13.42 -13.26 14.60
C PRO B 53 -12.37 -14.34 14.26
N VAL B 54 -11.31 -13.92 13.58
CA VAL B 54 -10.27 -14.82 13.08
C VAL B 54 -8.87 -14.27 13.46
N THR B 55 -8.04 -15.13 14.08
CA THR B 55 -6.70 -14.71 14.57
C THR B 55 -5.54 -14.99 13.60
N SER B 56 -5.82 -15.60 12.44
CA SER B 56 -4.76 -15.95 11.49
C SER B 56 -4.07 -14.73 10.88
N GLY B 57 -2.80 -14.92 10.51
CA GLY B 57 -1.94 -13.87 9.97
C GLY B 57 -1.79 -12.69 10.90
N ASN B 58 -1.98 -11.49 10.37
CA ASN B 58 -2.03 -10.23 11.13
C ASN B 58 -3.05 -10.29 12.32
N GLY B 59 -4.03 -11.18 12.24
CA GLY B 59 -4.94 -11.42 13.34
C GLY B 59 -6.14 -10.48 13.38
N ILE B 60 -6.77 -10.46 14.54
CA ILE B 60 -7.97 -9.69 14.79
C ILE B 60 -7.72 -8.19 14.59
N ILE B 61 -8.55 -7.56 13.77
CA ILE B 61 -8.44 -6.13 13.52
C ILE B 61 -9.44 -5.41 14.42
N GLY B 62 -8.95 -4.52 15.28
CA GLY B 62 -9.83 -3.70 16.14
C GLY B 62 -10.98 -3.10 15.34
N ASN B 63 -12.18 -3.09 15.94
CA ASN B 63 -13.40 -2.57 15.31
C ASN B 63 -14.01 -3.40 14.17
N PHE B 64 -13.35 -4.48 13.75
CA PHE B 64 -13.80 -5.21 12.54
C PHE B 64 -15.09 -5.98 12.77
N SER B 65 -15.08 -6.90 13.72
CA SER B 65 -16.29 -7.67 13.99
C SER B 65 -17.39 -6.73 14.48
N ALA B 66 -17.06 -5.75 15.32
CA ALA B 66 -18.06 -4.75 15.77
C ALA B 66 -18.69 -3.99 14.58
N SER B 67 -17.86 -3.61 13.60
CA SER B 67 -18.37 -2.92 12.42
C SER B 67 -19.29 -3.80 11.59
N LEU B 68 -18.91 -5.06 11.39
CA LEU B 68 -19.75 -5.97 10.63
C LEU B 68 -21.10 -6.13 11.35
N HIS B 69 -21.05 -6.15 12.68
CA HIS B 69 -22.28 -6.20 13.47
C HIS B 69 -23.17 -4.98 13.17
N ALA B 70 -22.61 -3.77 13.25
CA ALA B 70 -23.39 -2.54 12.99
C ALA B 70 -23.89 -2.52 11.54
N ILE B 71 -23.03 -2.94 10.61
CA ILE B 71 -23.39 -3.04 9.18
C ILE B 71 -24.58 -3.99 8.92
N THR B 72 -24.48 -5.20 9.44
CA THR B 72 -25.53 -6.18 9.21
C THR B 72 -26.84 -5.73 9.88
N GLN B 73 -26.77 -5.16 11.08
CA GLN B 73 -27.97 -4.63 11.76
C GLN B 73 -28.64 -3.53 10.93
N TYR B 74 -27.82 -2.63 10.41
CA TYR B 74 -28.25 -1.53 9.53
C TYR B 74 -29.00 -2.01 8.28
N PHE B 75 -28.65 -3.18 7.75
CA PHE B 75 -29.35 -3.74 6.58
C PHE B 75 -30.42 -4.76 6.96
N GLY B 76 -30.73 -4.82 8.26
CA GLY B 76 -31.91 -5.55 8.73
C GLY B 76 -31.69 -7.00 9.08
N PHE B 77 -30.43 -7.41 9.21
CA PHE B 77 -30.10 -8.79 9.54
C PHE B 77 -30.02 -9.01 11.05
N ASP B 78 -30.22 -10.26 11.49
CA ASP B 78 -30.12 -10.61 12.91
C ASP B 78 -28.72 -11.13 13.24
N SER B 79 -27.80 -10.20 13.48
CA SER B 79 -26.40 -10.57 13.56
C SER B 79 -25.92 -10.66 15.00
N PHE B 80 -24.94 -11.53 15.20
CA PHE B 80 -24.22 -11.62 16.46
C PHE B 80 -22.74 -11.89 16.18
N VAL B 81 -21.88 -11.55 17.14
CA VAL B 81 -20.44 -11.82 17.08
C VAL B 81 -20.11 -12.92 18.07
N THR B 82 -19.39 -13.96 17.64
CA THR B 82 -19.04 -15.05 18.53
C THR B 82 -18.02 -14.60 19.58
N ASP B 83 -18.17 -15.11 20.80
CA ASP B 83 -17.17 -14.93 21.86
C ASP B 83 -15.82 -15.53 21.43
N MET B 84 -15.84 -16.77 20.97
CA MET B 84 -14.61 -17.45 20.54
C MET B 84 -14.26 -17.09 19.09
N PRO B 85 -12.95 -17.14 18.75
CA PRO B 85 -12.48 -16.94 17.40
C PRO B 85 -12.22 -18.27 16.66
N ASP B 86 -11.92 -18.16 15.37
CA ASP B 86 -11.43 -19.27 14.53
C ASP B 86 -12.42 -20.45 14.42
N VAL B 87 -11.96 -21.68 14.60
CA VAL B 87 -12.82 -22.86 14.46
C VAL B 87 -13.78 -22.99 15.65
N SER B 88 -13.28 -22.74 16.86
CA SER B 88 -14.13 -22.72 18.04
C SER B 88 -15.25 -21.68 17.86
N GLY B 89 -14.93 -20.54 17.23
CA GLY B 89 -15.92 -19.52 16.91
C GLY B 89 -16.95 -19.95 15.89
N TYR B 90 -16.47 -20.53 14.78
CA TYR B 90 -17.35 -21.11 13.75
C TYR B 90 -18.35 -22.08 14.38
N TYR B 91 -17.83 -22.98 15.20
CA TYR B 91 -18.66 -23.95 15.92
C TYR B 91 -19.74 -23.24 16.71
N GLU B 92 -19.32 -22.25 17.52
CA GLU B 92 -20.25 -21.41 18.29
C GLU B 92 -21.31 -20.78 17.41
N ALA B 93 -20.90 -20.24 16.27
CA ALA B 93 -21.84 -19.58 15.36
C ALA B 93 -22.92 -20.56 14.86
N VAL B 94 -22.49 -21.70 14.35
CA VAL B 94 -23.43 -22.73 13.86
C VAL B 94 -24.36 -23.26 14.97
N GLN B 95 -23.79 -23.55 16.14
CA GLN B 95 -24.57 -23.98 17.28
C GLN B 95 -25.63 -22.98 17.71
N ASN B 96 -25.35 -21.69 17.52
CA ASN B 96 -26.31 -20.65 17.88
C ASN B 96 -27.24 -20.26 16.74
N GLY B 97 -27.40 -21.17 15.78
CA GLY B 97 -28.37 -21.01 14.72
C GLY B 97 -28.01 -20.02 13.65
N ALA B 98 -26.72 -19.77 13.44
CA ALA B 98 -26.32 -18.92 12.32
C ALA B 98 -26.83 -19.52 11.03
N GLU B 99 -27.41 -18.69 10.18
CA GLU B 99 -27.86 -19.12 8.85
C GLU B 99 -26.85 -18.70 7.80
N ILE B 100 -26.15 -17.59 8.07
CA ILE B 100 -25.06 -17.10 7.24
C ILE B 100 -23.84 -16.81 8.09
N ILE B 101 -22.70 -17.39 7.71
CA ILE B 101 -21.44 -17.12 8.38
C ILE B 101 -20.68 -16.01 7.67
N LEU B 102 -20.22 -15.04 8.43
CA LEU B 102 -19.39 -13.96 7.93
C LEU B 102 -18.02 -14.03 8.65
N MET B 103 -16.93 -14.17 7.89
CA MET B 103 -15.60 -14.35 8.47
C MET B 103 -14.47 -14.03 7.49
N ALA B 104 -13.35 -13.54 8.00
CA ALA B 104 -12.24 -13.12 7.16
C ALA B 104 -10.88 -13.47 7.73
N ASP B 105 -9.99 -13.97 6.85
CA ASP B 105 -8.55 -13.92 7.10
C ASP B 105 -7.93 -12.81 6.25
N ASP B 106 -6.60 -12.71 6.24
CA ASP B 106 -5.94 -11.61 5.54
C ASP B 106 -6.17 -11.65 4.03
N ARG B 107 -6.43 -12.83 3.48
CA ARG B 107 -6.53 -13.00 2.02
C ARG B 107 -7.98 -13.09 1.50
N THR B 108 -8.90 -13.55 2.35
CA THR B 108 -10.28 -13.83 1.92
C THR B 108 -11.28 -13.41 2.98
N PHE B 109 -12.28 -12.63 2.58
CA PHE B 109 -13.41 -12.29 3.44
C PHE B 109 -14.66 -12.85 2.75
N LEU B 110 -15.34 -13.79 3.40
CA LEU B 110 -16.45 -14.52 2.79
C LEU B 110 -17.72 -14.43 3.59
N ALA B 111 -18.83 -14.63 2.88
CA ALA B 111 -20.13 -14.86 3.49
C ALA B 111 -20.59 -16.22 2.95
N HIS B 112 -21.02 -17.10 3.85
CA HIS B 112 -21.52 -18.40 3.46
C HIS B 112 -22.92 -18.62 4.02
N ASN B 113 -23.88 -18.74 3.12
CA ASN B 113 -25.28 -19.06 3.47
C ASN B 113 -25.42 -20.56 3.60
N LEU B 114 -25.57 -21.01 4.83
CA LEU B 114 -25.64 -22.44 5.12
C LEU B 114 -26.98 -23.04 4.67
N LYS B 115 -27.95 -22.20 4.32
CA LYS B 115 -29.29 -22.66 3.90
C LYS B 115 -29.25 -23.14 2.46
N ASN B 116 -28.74 -22.28 1.59
CA ASN B 116 -28.67 -22.62 0.17
C ASN B 116 -27.29 -22.98 -0.36
N GLY B 117 -26.25 -22.88 0.47
CA GLY B 117 -24.87 -23.19 0.04
C GLY B 117 -24.19 -22.19 -0.89
N LYS B 118 -24.77 -21.00 -1.03
CA LYS B 118 -24.12 -19.93 -1.78
C LYS B 118 -23.10 -19.20 -0.92
N MET B 119 -21.98 -18.84 -1.54
CA MET B 119 -20.88 -18.24 -0.83
C MET B 119 -20.35 -17.08 -1.65
N ALA B 120 -20.04 -15.97 -0.98
CA ALA B 120 -19.56 -14.75 -1.63
C ALA B 120 -18.12 -14.46 -1.22
N ASN B 121 -17.32 -13.94 -2.15
CA ASN B 121 -15.99 -13.40 -1.84
C ASN B 121 -16.07 -11.88 -1.88
N ASN B 122 -15.48 -11.25 -0.88
CA ASN B 122 -15.60 -9.82 -0.74
C ASN B 122 -15.03 -9.03 -1.93
N GLN B 123 -14.01 -9.57 -2.59
CA GLN B 123 -13.33 -8.81 -3.63
C GLN B 123 -14.20 -8.58 -4.89
N PRO B 124 -14.70 -9.63 -5.53
CA PRO B 124 -15.58 -9.30 -6.67
C PRO B 124 -16.89 -8.62 -6.28
N CYS B 125 -17.45 -8.97 -5.13
CA CYS B 125 -18.72 -8.35 -4.70
C CYS B 125 -18.58 -6.85 -4.51
N THR B 126 -17.40 -6.43 -4.06
CA THR B 126 -17.12 -5.02 -3.86
C THR B 126 -16.92 -4.35 -5.21
N GLY B 127 -16.08 -4.95 -6.04
CA GLY B 127 -15.85 -4.43 -7.40
C GLY B 127 -17.16 -4.29 -8.14
N ILE B 128 -17.97 -5.34 -8.11
CA ILE B 128 -19.25 -5.34 -8.84
C ILE B 128 -20.19 -4.24 -8.33
N ILE B 129 -20.47 -4.20 -7.02
CA ILE B 129 -21.37 -3.16 -6.50
C ILE B 129 -20.90 -1.72 -6.76
N TYR B 130 -19.61 -1.43 -6.56
CA TYR B 130 -19.11 -0.06 -6.78
C TYR B 130 -19.15 0.31 -8.26
N ALA B 131 -18.83 -0.66 -9.12
CA ALA B 131 -19.00 -0.49 -10.57
C ALA B 131 -20.49 -0.32 -10.91
N GLU B 132 -21.35 -1.13 -10.29
CA GLU B 132 -22.78 -1.03 -10.54
C GLU B 132 -23.30 0.34 -10.15
N ILE B 133 -22.88 0.84 -8.98
CA ILE B 133 -23.27 2.17 -8.53
C ILE B 133 -22.81 3.24 -9.52
N ALA B 134 -21.52 3.20 -9.90
CA ALA B 134 -20.98 4.16 -10.86
C ALA B 134 -21.76 4.14 -12.18
N SER B 135 -22.07 2.94 -12.68
CA SER B 135 -22.77 2.79 -13.96
C SER B 135 -24.15 3.45 -13.98
N ARG B 136 -24.80 3.55 -12.81
CA ARG B 136 -26.14 4.14 -12.69
C ARG B 136 -26.16 5.63 -12.38
N TYR B 137 -25.07 6.34 -12.69
CA TYR B 137 -25.04 7.76 -12.46
C TYR B 137 -26.12 8.43 -13.30
N LEU B 138 -27.22 8.81 -12.66
CA LEU B 138 -28.39 9.35 -13.36
C LEU B 138 -28.04 10.39 -14.43
N LYS B 139 -27.25 11.39 -14.04
CA LYS B 139 -26.94 12.51 -14.91
C LYS B 139 -25.64 12.36 -15.71
N ALA B 140 -25.28 11.14 -16.08
CA ALA B 140 -24.07 10.90 -16.88
C ALA B 140 -24.34 11.27 -18.33
N ASP B 141 -23.42 12.01 -18.95
CA ASP B 141 -23.58 12.43 -20.34
C ASP B 141 -22.72 11.59 -21.27
N SER B 142 -22.56 10.31 -20.95
CA SER B 142 -21.74 9.40 -21.76
C SER B 142 -21.77 7.98 -21.22
N LYS B 143 -21.45 7.01 -22.08
CA LYS B 143 -21.25 5.62 -21.70
C LYS B 143 -19.76 5.34 -21.47
N ASP B 144 -18.95 6.41 -21.48
CA ASP B 144 -17.53 6.30 -21.20
C ASP B 144 -17.30 6.11 -19.71
N VAL B 145 -16.43 5.16 -19.37
CA VAL B 145 -16.06 4.94 -17.98
C VAL B 145 -14.58 4.59 -17.84
N LEU B 146 -13.93 5.25 -16.87
CA LEU B 146 -12.52 5.03 -16.57
C LEU B 146 -12.41 4.09 -15.36
N VAL B 147 -11.62 3.03 -15.49
CA VAL B 147 -11.30 2.16 -14.35
C VAL B 147 -9.81 2.29 -14.00
N VAL B 148 -9.53 2.71 -12.76
CA VAL B 148 -8.14 2.83 -12.27
C VAL B 148 -7.92 1.79 -11.16
N GLY B 149 -7.07 0.84 -11.45
CA GLY B 149 -6.87 -0.32 -10.59
C GLY B 149 -7.60 -1.51 -11.16
N LEU B 150 -6.85 -2.53 -11.58
CA LEU B 150 -7.43 -3.74 -12.17
C LEU B 150 -6.99 -5.01 -11.42
N GLY B 151 -6.95 -4.94 -10.10
CA GLY B 151 -6.58 -6.09 -9.28
C GLY B 151 -7.79 -6.90 -8.89
N LYS B 152 -7.77 -7.43 -7.67
CA LYS B 152 -8.79 -8.35 -7.24
C LYS B 152 -10.16 -7.70 -7.12
N VAL B 153 -10.19 -6.40 -6.82
CA VAL B 153 -11.44 -5.64 -6.81
C VAL B 153 -11.72 -4.99 -8.17
N GLY B 154 -10.71 -4.35 -8.75
CA GLY B 154 -10.86 -3.60 -9.98
C GLY B 154 -11.35 -4.44 -11.14
N PHE B 155 -10.68 -5.56 -11.36
CA PHE B 155 -10.95 -6.42 -12.51
C PHE B 155 -12.40 -6.87 -12.62
N PRO B 156 -12.99 -7.44 -11.55
CA PRO B 156 -14.41 -7.81 -11.65
C PRO B 156 -15.37 -6.61 -11.81
N GLY B 157 -14.98 -5.45 -11.30
CA GLY B 157 -15.69 -4.19 -11.53
C GLY B 157 -15.65 -3.79 -13.00
N ALA B 158 -14.46 -3.86 -13.61
CA ALA B 158 -14.30 -3.57 -15.02
C ALA B 158 -15.08 -4.58 -15.85
N GLU B 159 -14.93 -5.87 -15.53
CA GLU B 159 -15.67 -6.93 -16.21
C GLU B 159 -17.19 -6.69 -16.19
N HIS B 160 -17.71 -6.25 -15.04
CA HIS B 160 -19.15 -5.93 -14.88
C HIS B 160 -19.62 -4.79 -15.78
N LEU B 161 -18.82 -3.74 -15.86
CA LEU B 161 -19.13 -2.59 -16.71
C LEU B 161 -19.15 -2.99 -18.18
N VAL B 162 -18.21 -3.82 -18.58
CA VAL B 162 -18.16 -4.34 -19.95
C VAL B 162 -19.43 -5.13 -20.26
N GLN B 163 -19.80 -6.02 -19.34
CA GLN B 163 -21.00 -6.87 -19.50
C GLN B 163 -22.30 -6.07 -19.51
N LYS B 164 -22.24 -4.80 -19.11
CA LYS B 164 -23.38 -3.88 -19.20
C LYS B 164 -23.32 -2.97 -20.44
N ASP B 165 -22.40 -3.24 -21.36
CA ASP B 165 -22.26 -2.47 -22.62
C ASP B 165 -21.93 -0.99 -22.40
N PHE B 166 -20.84 -0.77 -21.68
CA PHE B 166 -20.24 0.55 -21.51
C PHE B 166 -18.93 0.54 -22.26
N ARG B 167 -18.40 1.72 -22.59
CA ARG B 167 -17.06 1.82 -23.16
C ARG B 167 -16.07 1.97 -21.99
N VAL B 168 -15.37 0.89 -21.69
CA VAL B 168 -14.52 0.81 -20.50
C VAL B 168 -13.06 1.11 -20.84
N TYR B 169 -12.55 2.24 -20.35
CA TYR B 169 -11.13 2.57 -20.42
C TYR B 169 -10.48 2.15 -19.11
N GLY B 170 -9.43 1.32 -19.18
CA GLY B 170 -8.77 0.81 -17.99
C GLY B 170 -7.31 1.21 -17.87
N TYR B 171 -6.86 1.50 -16.64
CA TYR B 171 -5.45 1.73 -16.34
C TYR B 171 -5.00 1.01 -15.05
N ASP B 172 -3.80 0.46 -15.10
CA ASP B 172 -3.12 -0.06 -13.92
C ASP B 172 -1.65 0.19 -14.09
N ALA B 173 -0.99 0.61 -13.01
CA ALA B 173 0.45 0.93 -13.05
C ALA B 173 1.29 -0.31 -13.34
N ASP B 174 0.75 -1.48 -12.99
CA ASP B 174 1.33 -2.78 -13.35
C ASP B 174 0.98 -3.08 -14.81
N GLU B 175 1.96 -2.98 -15.71
CA GLU B 175 1.73 -3.12 -17.14
C GLU B 175 1.21 -4.50 -17.54
N THR B 176 1.76 -5.55 -16.93
CA THR B 176 1.36 -6.92 -17.26
C THR B 176 -0.06 -7.19 -16.84
N LEU B 177 -0.47 -6.61 -15.71
CA LEU B 177 -1.85 -6.68 -15.28
C LEU B 177 -2.73 -5.89 -16.27
N LEU B 178 -2.25 -4.74 -16.73
CA LEU B 178 -3.01 -3.92 -17.67
C LEU B 178 -3.25 -4.67 -18.99
N GLU B 179 -2.19 -5.28 -19.50
CA GLU B 179 -2.25 -6.01 -20.78
C GLU B 179 -3.08 -7.31 -20.66
N ARG B 180 -3.03 -7.96 -19.50
CA ARG B 180 -3.85 -9.14 -19.25
C ARG B 180 -5.34 -8.78 -19.19
N ALA B 181 -5.67 -7.58 -18.71
CA ALA B 181 -7.06 -7.13 -18.66
C ALA B 181 -7.58 -6.69 -20.02
N THR B 182 -6.75 -5.99 -20.80
CA THR B 182 -7.16 -5.55 -22.14
C THR B 182 -7.46 -6.77 -23.02
N SER B 183 -6.63 -7.80 -22.90
CA SER B 183 -6.85 -9.06 -23.61
C SER B 183 -8.18 -9.69 -23.20
N ASN B 184 -8.31 -10.00 -21.93
CA ASN B 184 -9.43 -10.80 -21.44
C ASN B 184 -10.77 -10.08 -21.42
N LEU B 185 -10.76 -8.74 -21.43
CA LEU B 185 -11.98 -7.94 -21.29
C LEU B 185 -12.27 -7.05 -22.48
N GLY B 186 -11.25 -6.68 -23.23
CA GLY B 186 -11.42 -5.78 -24.36
C GLY B 186 -11.58 -4.34 -23.94
N ILE B 187 -11.07 -3.99 -22.76
CA ILE B 187 -11.02 -2.60 -22.34
C ILE B 187 -10.02 -1.81 -23.17
N ILE B 188 -10.28 -0.52 -23.33
CA ILE B 188 -9.35 0.35 -24.02
C ILE B 188 -8.26 0.70 -23.03
N PRO B 189 -7.00 0.37 -23.36
CA PRO B 189 -5.91 0.72 -22.46
C PRO B 189 -5.71 2.22 -22.37
N PHE B 190 -6.07 2.81 -21.24
CA PHE B 190 -5.94 4.24 -21.02
C PHE B 190 -4.48 4.66 -20.86
N ASP B 191 -4.14 5.82 -21.41
CA ASP B 191 -2.82 6.39 -21.27
C ASP B 191 -2.94 7.73 -20.55
N PRO B 192 -2.22 7.90 -19.42
CA PRO B 192 -2.21 9.21 -18.73
C PRO B 192 -1.65 10.38 -19.55
N ALA B 193 -0.73 10.09 -20.48
CA ALA B 193 -0.18 11.11 -21.39
C ALA B 193 -1.07 11.40 -22.61
N ASN B 194 -2.14 10.63 -22.75
CA ASN B 194 -3.24 10.93 -23.66
C ASN B 194 -4.55 10.97 -22.89
N PRO B 195 -4.69 11.90 -21.94
CA PRO B 195 -5.86 11.94 -21.09
C PRO B 195 -7.08 12.53 -21.79
N LYS B 196 -8.27 12.14 -21.32
CA LYS B 196 -9.52 12.79 -21.67
C LYS B 196 -10.35 12.93 -20.41
N LYS B 197 -11.42 13.73 -20.49
CA LYS B 197 -12.30 13.96 -19.35
C LYS B 197 -13.28 12.80 -19.21
N PHE B 198 -13.57 12.41 -17.98
CA PHE B 198 -14.58 11.39 -17.68
C PHE B 198 -15.58 11.95 -16.67
N SER B 199 -16.82 11.46 -16.72
CA SER B 199 -17.85 11.82 -15.73
C SER B 199 -18.24 10.61 -14.86
N ILE B 200 -17.91 9.41 -15.32
CA ILE B 200 -17.95 8.19 -14.49
C ILE B 200 -16.53 7.63 -14.29
N ILE B 201 -16.07 7.53 -13.05
CA ILE B 201 -14.79 6.88 -12.72
C ILE B 201 -14.92 5.86 -11.60
N PHE B 202 -14.34 4.67 -11.82
CA PHE B 202 -14.25 3.61 -10.84
C PHE B 202 -12.76 3.38 -10.51
N GLU B 203 -12.41 3.58 -9.23
CA GLU B 203 -11.02 3.42 -8.78
C GLU B 203 -10.97 2.38 -7.69
N ALA B 204 -10.05 1.44 -7.83
CA ALA B 204 -9.86 0.42 -6.82
C ALA B 204 -8.35 0.13 -6.57
N THR B 205 -7.65 1.10 -5.99
CA THR B 205 -6.23 0.95 -5.59
C THR B 205 -6.00 1.31 -4.12
N PRO B 206 -4.90 0.82 -3.53
CA PRO B 206 -4.63 1.22 -2.16
C PRO B 206 -3.78 2.50 -2.06
N CYS B 207 -3.85 3.37 -3.08
CA CYS B 207 -2.96 4.52 -3.18
C CYS B 207 -3.69 5.86 -3.31
N ALA B 208 -3.08 6.89 -2.73
CA ALA B 208 -3.64 8.24 -2.75
C ALA B 208 -3.36 8.88 -4.07
N ASN B 209 -4.21 9.85 -4.42
CA ASN B 209 -4.03 10.70 -5.57
C ASN B 209 -3.70 9.94 -6.85
N THR B 210 -4.47 8.89 -7.13
CA THR B 210 -4.34 8.17 -8.41
C THR B 210 -5.15 8.78 -9.55
N ILE B 211 -6.06 9.71 -9.24
CA ILE B 211 -6.92 10.34 -10.25
C ILE B 211 -6.38 11.74 -10.53
N PRO B 212 -5.77 11.94 -11.72
CA PRO B 212 -5.14 13.25 -11.98
C PRO B 212 -6.15 14.28 -12.46
N GLU B 213 -5.96 15.54 -12.06
CA GLU B 213 -6.85 16.64 -12.46
C GLU B 213 -7.27 16.60 -13.94
N ALA B 214 -6.36 16.15 -14.80
CA ALA B 214 -6.62 16.12 -16.24
C ALA B 214 -7.76 15.20 -16.69
N VAL B 215 -8.23 14.33 -15.81
CA VAL B 215 -9.22 13.32 -16.17
C VAL B 215 -10.61 13.63 -15.58
N LEU B 216 -10.68 14.64 -14.72
CA LEU B 216 -11.90 14.98 -14.01
C LEU B 216 -12.74 15.98 -14.78
N SER B 217 -14.07 15.82 -14.71
CA SER B 217 -15.02 16.78 -15.27
C SER B 217 -16.02 17.21 -14.20
N GLU B 218 -16.67 18.36 -14.42
CA GLU B 218 -17.56 18.95 -13.43
C GLU B 218 -18.58 17.93 -12.94
N ASN B 219 -18.75 17.86 -11.62
CA ASN B 219 -19.73 16.97 -10.97
C ASN B 219 -19.49 15.46 -11.16
N CYS B 220 -18.32 15.05 -11.66
CA CYS B 220 -18.15 13.65 -12.04
C CYS B 220 -18.29 12.70 -10.85
N VAL B 221 -18.67 11.46 -11.16
CA VAL B 221 -18.81 10.42 -10.16
C VAL B 221 -17.48 9.69 -9.99
N LEU B 222 -17.01 9.62 -8.76
CA LEU B 222 -15.87 8.80 -8.42
C LEU B 222 -16.33 7.72 -7.44
N SER B 223 -16.38 6.49 -7.94
CA SER B 223 -16.83 5.35 -7.16
C SER B 223 -15.63 4.50 -6.79
N THR B 224 -15.22 4.56 -5.53
CA THR B 224 -13.95 3.95 -5.11
C THR B 224 -14.02 3.29 -3.73
N PRO B 225 -13.82 1.95 -3.66
CA PRO B 225 -13.59 1.28 -2.40
C PRO B 225 -12.15 1.43 -1.93
N GLY B 226 -11.26 1.93 -2.80
CA GLY B 226 -9.84 2.12 -2.46
C GLY B 226 -9.58 2.94 -1.20
N ILE B 227 -8.51 2.57 -0.50
CA ILE B 227 -8.09 3.26 0.73
C ILE B 227 -6.58 3.48 0.69
N PRO B 228 -6.11 4.72 0.92
CA PRO B 228 -6.85 5.95 1.21
C PRO B 228 -7.46 6.55 -0.06
N CYS B 229 -8.04 7.74 0.06
CA CYS B 229 -8.81 8.33 -1.03
C CYS B 229 -7.99 8.56 -2.30
N ALA B 230 -8.55 8.15 -3.44
CA ALA B 230 -7.90 8.28 -4.76
C ALA B 230 -7.72 9.70 -5.26
N ILE B 231 -8.42 10.64 -4.64
CA ILE B 231 -8.38 12.03 -5.06
C ILE B 231 -8.12 12.91 -3.83
N SER B 232 -7.38 14.00 -4.01
CA SER B 232 -7.12 14.94 -2.89
C SER B 232 -8.40 15.74 -2.59
N GLU B 233 -8.43 16.32 -1.40
CA GLU B 233 -9.57 17.13 -0.96
C GLU B 233 -9.75 18.33 -1.91
N GLU B 234 -8.66 19.03 -2.16
CA GLU B 234 -8.64 20.17 -3.08
C GLU B 234 -9.33 19.85 -4.41
N LEU B 235 -8.84 18.81 -5.09
CA LEU B 235 -9.40 18.43 -6.39
C LEU B 235 -10.86 17.95 -6.30
N ARG B 236 -11.25 17.42 -5.14
CA ARG B 236 -12.62 16.97 -4.92
C ARG B 236 -13.57 18.17 -4.88
N ASP B 237 -13.17 19.21 -4.15
CA ASP B 237 -14.00 20.41 -4.02
C ASP B 237 -13.99 21.21 -5.31
N LYS B 238 -12.83 21.32 -5.94
CA LYS B 238 -12.66 22.10 -7.18
C LYS B 238 -13.55 21.65 -8.35
N TYR B 239 -13.90 20.35 -8.39
CA TYR B 239 -14.72 19.81 -9.47
C TYR B 239 -16.06 19.27 -8.98
N GLU B 240 -16.43 19.59 -7.75
CA GLU B 240 -17.66 19.09 -7.13
C GLU B 240 -17.84 17.60 -7.40
N VAL B 241 -16.82 16.81 -7.06
CA VAL B 241 -16.83 15.39 -7.39
C VAL B 241 -17.82 14.68 -6.48
N GLN B 242 -18.64 13.84 -7.07
CA GLN B 242 -19.58 13.04 -6.31
C GLN B 242 -18.92 11.73 -5.90
N LEU B 243 -18.45 11.70 -4.67
CA LEU B 243 -17.60 10.61 -4.16
C LEU B 243 -18.44 9.55 -3.44
N ILE B 244 -18.34 8.32 -3.92
CA ILE B 244 -18.88 7.17 -3.22
C ILE B 244 -17.69 6.38 -2.69
N ALA B 245 -17.48 6.42 -1.38
CA ALA B 245 -16.35 5.76 -0.73
C ALA B 245 -16.66 5.46 0.73
N GLU B 246 -16.44 4.21 1.12
CA GLU B 246 -16.83 3.71 2.43
C GLU B 246 -16.04 2.41 2.62
N PRO B 247 -15.49 2.16 3.83
CA PRO B 247 -14.43 1.14 3.93
C PRO B 247 -14.84 -0.33 4.02
N LEU B 248 -16.12 -0.65 4.20
CA LEU B 248 -16.51 -2.05 4.45
C LEU B 248 -18.00 -2.39 4.20
N GLY B 249 -18.89 -1.46 4.58
CA GLY B 249 -20.34 -1.68 4.56
C GLY B 249 -20.95 -2.02 3.21
N ILE B 250 -20.56 -1.26 2.20
CA ILE B 250 -21.11 -1.42 0.87
C ILE B 250 -20.77 -2.80 0.28
N GLY B 251 -19.48 -3.14 0.27
CA GLY B 251 -19.03 -4.46 -0.16
C GLY B 251 -19.62 -5.61 0.67
N THR B 252 -19.80 -5.42 1.98
CA THR B 252 -20.42 -6.45 2.82
C THR B 252 -21.90 -6.67 2.42
N ALA B 253 -22.63 -5.57 2.19
CA ALA B 253 -24.01 -5.63 1.67
C ALA B 253 -24.06 -6.46 0.37
N SER B 254 -23.14 -6.14 -0.54
CA SER B 254 -23.04 -6.85 -1.81
C SER B 254 -22.84 -8.35 -1.60
N MET B 255 -21.95 -8.73 -0.68
CA MET B 255 -21.75 -10.15 -0.36
C MET B 255 -23.04 -10.78 0.15
N LEU B 256 -23.66 -10.14 1.14
CA LEU B 256 -24.82 -10.69 1.83
C LEU B 256 -26.00 -10.89 0.86
N TYR B 257 -26.36 -9.84 0.14
CA TYR B 257 -27.46 -9.89 -0.83
C TYR B 257 -27.18 -10.86 -1.98
N SER B 258 -25.91 -11.08 -2.32
CA SER B 258 -25.53 -12.02 -3.38
C SER B 258 -25.72 -13.49 -3.00
N VAL B 259 -25.82 -13.79 -1.72
CA VAL B 259 -25.99 -15.18 -1.27
C VAL B 259 -27.40 -15.47 -0.75
N LEU B 260 -28.26 -14.44 -0.70
CA LEU B 260 -29.64 -14.65 -0.27
C LEU B 260 -30.41 -15.49 -1.29
PA NAI C . 4.94 5.13 5.72
O1A NAI C . 3.57 4.65 5.43
O2A NAI C . 5.39 5.53 7.07
O5B NAI C . 5.20 6.41 4.79
C5B NAI C . 4.77 6.40 3.43
C4B NAI C . 4.29 7.82 3.14
O4B NAI C . 4.08 7.97 1.75
C3B NAI C . 2.94 8.10 3.82
O3B NAI C . 3.10 9.26 4.63
C2B NAI C . 1.96 8.36 2.72
O2B NAI C . 1.11 9.46 3.02
C1B NAI C . 2.89 8.75 1.60
N9A NAI C . 2.33 8.59 0.26
C8A NAI C . 1.69 7.53 -0.28
N7A NAI C . 1.37 7.79 -1.59
C5A NAI C . 1.81 9.02 -1.86
C6A NAI C . 1.80 9.92 -3.02
N6A NAI C . 1.25 9.57 -4.18
N1A NAI C . 2.39 11.12 -2.88
C2A NAI C . 2.97 11.51 -1.74
N3A NAI C . 2.99 10.76 -0.66
C4A NAI C . 2.44 9.54 -0.67
O3 NAI C . 5.86 3.99 5.00
PN NAI C . 7.43 3.86 5.32
O1N NAI C . 7.74 3.05 6.55
O2N NAI C . 8.06 5.26 5.27
O5D NAI C . 7.86 2.97 4.05
C5D NAI C . 7.83 3.57 2.77
C4D NAI C . 8.15 2.51 1.73
O4D NAI C . 9.49 2.00 1.84
C3D NAI C . 7.27 1.29 1.84
O3D NAI C . 7.07 0.86 0.49
C2D NAI C . 8.12 0.24 2.54
O2D NAI C . 7.75 -1.05 2.11
C1D NAI C . 9.48 0.57 1.96
N1N NAI C . 10.68 0.23 2.69
C2N NAI C . 11.72 -0.15 1.93
C3N NAI C . 12.96 -0.42 2.47
C7N NAI C . 14.11 -0.82 1.59
O7N NAI C . 15.16 -1.19 2.11
N7N NAI C . 14.01 -0.71 0.25
C4N NAI C . 13.18 -0.29 3.96
C5N NAI C . 11.99 0.16 4.67
C6N NAI C . 10.79 0.41 4.02
NA NA D . 7.16 3.91 -4.42
MG MG E . 17.47 -0.98 0.78
CB2 PYL F . 12.26 -4.59 6.56
CG2 PYL F . 11.27 -4.54 5.41
CD2 PYL F . 11.59 -3.49 4.38
CE2 PYL F . 10.23 -2.95 4.05
N2 PYL F . 9.33 -3.38 4.84
CA2 PYL F . 9.89 -4.19 5.92
C2 PYL F . 9.19 -5.46 6.18
O2 PYL F . 8.72 -6.05 5.22
NZ PYL F . 9.17 -5.88 7.45
CE PYL F . 8.54 -7.14 7.84
CD PYL F . 9.56 -8.27 7.90
CG PYL F . 9.06 -9.45 8.69
CB PYL F . 10.10 -10.56 8.74
CA PYL F . 9.55 -11.89 9.27
C PYL F . 10.63 -12.93 9.18
OXT PYL F . 10.78 -13.54 8.09
O PYL F . 11.39 -13.14 10.18
N PYL F . 9.09 -11.73 10.63
C1 GOL G . 17.40 -0.04 -9.94
O1 GOL G . 16.61 -0.80 -9.04
C2 GOL G . 18.74 -0.70 -10.07
O2 GOL G . 19.12 -0.62 -11.44
C3 GOL G . 19.74 0.00 -9.16
O3 GOL G . 19.21 0.06 -7.82
C1 GOL H . 31.95 -4.72 -2.41
O1 GOL H . 31.50 -4.19 -1.17
C2 GOL H . 32.20 -6.22 -2.42
O2 GOL H . 32.26 -6.73 -1.10
C3 GOL H . 31.10 -6.98 -3.16
O3 GOL H . 31.70 -8.10 -3.81
C1 EDO I . 23.47 -21.35 14.07
O1 EDO I . 22.28 -21.46 14.87
C2 EDO I . 24.25 -22.66 14.02
O2 EDO I . 23.75 -23.39 12.92
C1 PEG J . 1.02 0.57 2.97
O1 PEG J . 0.56 1.42 4.03
C2 PEG J . -0.11 0.18 2.00
O2 PEG J . 0.46 -0.63 0.97
C3 PEG J . -0.21 -0.59 -0.30
C4 PEG J . 0.18 0.61 -1.16
O4 PEG J . -0.37 1.84 -0.66
PA NAI K . -4.97 -5.32 -5.50
O1A NAI K . -3.55 -5.11 -5.03
O2A NAI K . -5.45 -6.69 -5.85
O5B NAI K . -5.25 -4.31 -6.73
C5B NAI K . -4.82 -2.94 -6.66
C4B NAI K . -4.28 -2.49 -8.01
O4B NAI K . -4.09 -1.07 -8.03
C3B NAI K . -2.91 -3.10 -8.32
O3B NAI K . -3.00 -3.86 -9.51
C2B NAI K . -1.97 -1.92 -8.49
O2B NAI K . -1.03 -2.11 -9.53
C1B NAI K . -2.94 -0.80 -8.82
N9A NAI K . -2.38 0.55 -8.58
C8A NAI K . -1.71 1.03 -7.52
N7A NAI K . -1.37 2.33 -7.71
C5A NAI K . -1.84 2.72 -8.91
C6A NAI K . -1.83 3.95 -9.75
N6A NAI K . -1.27 5.11 -9.35
N1A NAI K . -2.45 3.90 -10.94
C2A NAI K . -3.03 2.76 -11.39
N3A NAI K . -3.07 1.62 -10.70
C4A NAI K . -2.48 1.53 -9.48
O3 NAI K . -5.91 -4.70 -4.34
PN NAI K . -7.48 -4.99 -4.33
O1N NAI K . -7.77 -6.28 -3.65
O2N NAI K . -7.96 -4.79 -5.77
O5D NAI K . -8.01 -3.82 -3.39
C5D NAI K . -7.84 -2.47 -3.81
C4D NAI K . -8.15 -1.52 -2.65
O4D NAI K . -9.49 -1.71 -2.22
C3D NAI K . -7.31 -1.75 -1.43
O3D NAI K . -7.01 -0.48 -0.86
C2D NAI K . -8.19 -2.50 -0.47
O2D NAI K . -7.89 -2.19 0.89
C1D NAI K . -9.52 -1.88 -0.81
N1N NAI K . -10.75 -2.63 -0.49
C2N NAI K . -11.77 -1.91 -0.03
C3N NAI K . -13.01 -2.47 0.27
C7N NAI K . -14.11 -1.61 0.78
O7N NAI K . -15.06 -2.14 1.32
N7N NAI K . -14.05 -0.29 0.62
C4N NAI K . -13.25 -3.93 0.09
C5N NAI K . -12.07 -4.61 -0.43
C6N NAI K . -10.87 -3.95 -0.71
NA NA L . -7.17 4.83 -3.49
MG MG M . -17.45 -0.69 0.96
CB2 PYL N . -12.37 -7.16 4.09
CG2 PYL N . -11.43 -5.95 4.14
CD2 PYL N . -11.87 -4.80 3.24
CE2 PYL N . -10.57 -4.35 2.65
N2 PYL N . -9.61 -5.12 2.95
CA2 PYL N . -10.02 -6.31 3.71
C2 PYL N . -9.23 -6.62 4.95
O2 PYL N . -8.74 -5.73 5.60
NZ PYL N . -9.19 -7.90 5.28
CE PYL N . -8.57 -8.34 6.52
CD PYL N . -9.62 -8.63 7.58
CG PYL N . -9.05 -9.45 8.74
CB PYL N . -10.10 -9.55 9.84
CA PYL N . -9.60 -10.22 11.12
C PYL N . -10.68 -10.26 12.18
OXT PYL N . -10.75 -9.31 13.01
O PYL N . -11.46 -11.23 12.25
N PYL N . -9.14 -11.57 10.83
C1 EDO O . -19.58 8.97 1.29
O1 EDO O . -19.26 8.16 0.14
C2 EDO O . -18.67 10.18 1.35
O2 EDO O . -17.31 9.73 1.26
#